data_2Z53
#
_entry.id   2Z53
#
_cell.length_a   43.619
_cell.length_b   61.541
_cell.length_c   91.626
_cell.angle_alpha   90.00
_cell.angle_beta   90.00
_cell.angle_gamma   90.00
#
_symmetry.space_group_name_H-M   'P 21 21 21'
#
loop_
_entity.id
_entity.type
_entity.pdbx_description
1 polymer 'Ribosome-inactivating protein PD-L4'
2 non-polymer 1,2-ETHANEDIOL
3 water water
#
_entity_poly.entity_id   1
_entity_poly.type   'polypeptide(L)'
_entity_poly.pdbx_seq_one_letter_code
;VNTITFDVGNATINKYATFMESLRNEAKDPTLKCYGIPMLPDSNLTPKYVLVKLQDASSKTITLMLRRNNLYVMGYSDLY
NGKCRYHIFNDISSTESTDVENTLCPNSNSREKKAINYNSQYSTLQNKAGVSSRSQVQLGIQILNSDIGKISGVSTFTDK
TEAEFLLVAIQMVSEAARFKYIENQVKTNFNRAFNPNPKVLSLEENWGKIALAIHNAKNGALTSPLELKNADDTKWIVLR
VDEIKPDMGLLNYVSGTCQTT
;
_entity_poly.pdbx_strand_id   A
#
# COMPACT_ATOMS: atom_id res chain seq x y z
N VAL A 1 -17.53 3.14 3.97
CA VAL A 1 -16.13 2.76 3.98
C VAL A 1 -15.72 2.08 5.29
N ASN A 2 -14.91 1.03 5.16
CA ASN A 2 -14.39 0.30 6.30
C ASN A 2 -13.05 0.87 6.75
N THR A 3 -12.83 0.73 8.05
CA THR A 3 -11.54 1.03 8.64
C THR A 3 -10.99 -0.23 9.28
N ILE A 4 -9.85 -0.70 8.81
CA ILE A 4 -9.15 -1.86 9.32
C ILE A 4 -7.99 -1.34 10.16
N THR A 5 -7.89 -1.85 11.38
CA THR A 5 -6.84 -1.47 12.28
C THR A 5 -5.73 -2.51 12.40
N PHE A 6 -4.50 -1.99 12.29
CA PHE A 6 -3.32 -2.75 12.55
C PHE A 6 -2.57 -2.11 13.73
N ASP A 7 -2.46 -2.88 14.80
CA ASP A 7 -1.72 -2.53 15.98
C ASP A 7 -0.24 -2.77 15.81
N VAL A 8 0.45 -1.73 15.35
CA VAL A 8 1.89 -1.82 15.10
C VAL A 8 2.62 -1.94 16.44
N GLY A 9 2.08 -1.29 17.48
CA GLY A 9 2.75 -1.24 18.78
C GLY A 9 2.78 -2.59 19.48
N ASN A 10 1.84 -3.46 19.24
CA ASN A 10 1.76 -4.80 19.84
C ASN A 10 1.63 -5.83 18.73
N ALA A 11 2.38 -5.66 17.66
CA ALA A 11 2.31 -6.54 16.52
C ALA A 11 3.00 -7.88 16.69
N THR A 12 2.43 -8.88 16.00
CA THR A 12 3.03 -10.19 15.86
C THR A 12 2.89 -10.66 14.40
N ILE A 13 3.62 -11.71 13.98
CA ILE A 13 3.54 -12.20 12.62
C ILE A 13 2.12 -12.60 12.34
N ASN A 14 1.46 -13.26 13.31
CA ASN A 14 0.12 -13.77 13.03
C ASN A 14 -0.86 -12.62 12.92
N LYS A 15 -0.87 -11.52 13.63
CA LYS A 15 -1.72 -10.37 13.59
C LYS A 15 -1.41 -9.61 12.31
N TYR A 16 -0.13 -9.58 11.86
CA TYR A 16 0.11 -8.97 10.52
C TYR A 16 -0.51 -9.78 9.41
N ALA A 17 -0.38 -11.11 9.42
CA ALA A 17 -1.03 -12.00 8.47
C ALA A 17 -2.53 -11.77 8.45
N THR A 18 -3.13 -11.67 9.66
CA THR A 18 -4.57 -11.45 9.72
C THR A 18 -4.90 -10.08 9.11
N PHE A 19 -4.11 -9.08 9.38
CA PHE A 19 -4.33 -7.73 8.82
C PHE A 19 -4.32 -7.75 7.32
N MET A 20 -3.34 -8.44 6.76
CA MET A 20 -3.26 -8.61 5.30
C MET A 20 -4.49 -9.32 4.76
N GLU A 21 -4.94 -10.39 5.42
CA GLU A 21 -6.10 -11.12 4.98
C GLU A 21 -7.35 -10.24 4.96
N SER A 22 -7.51 -9.48 6.05
CA SER A 22 -8.66 -8.59 6.21
C SER A 22 -8.63 -7.50 5.15
N LEU A 23 -7.49 -6.90 4.86
CA LEU A 23 -7.38 -5.84 3.86
C LEU A 23 -7.61 -6.34 2.45
N ARG A 24 -7.05 -7.49 2.10
CA ARG A 24 -7.33 -8.09 0.80
C ARG A 24 -8.82 -8.43 0.67
N ASN A 25 -9.40 -9.00 1.74
CA ASN A 25 -10.82 -9.40 1.65
C ASN A 25 -11.76 -8.23 1.57
N GLU A 26 -11.43 -7.08 2.14
CA GLU A 26 -12.19 -5.85 1.98
C GLU A 26 -12.02 -5.22 0.60
N ALA A 27 -10.81 -5.17 0.10
CA ALA A 27 -10.48 -4.45 -1.12
C ALA A 27 -10.93 -5.21 -2.35
N LYS A 28 -10.78 -6.54 -2.36
CA LYS A 28 -11.05 -7.29 -3.58
C LYS A 28 -12.49 -7.07 -4.08
N ASP A 29 -12.66 -7.15 -5.40
CA ASP A 29 -14.03 -7.30 -5.92
C ASP A 29 -14.67 -8.55 -5.34
N PRO A 30 -15.98 -8.63 -5.10
CA PRO A 30 -16.54 -9.85 -4.53
C PRO A 30 -16.42 -11.03 -5.48
N THR A 31 -16.23 -10.81 -6.78
CA THR A 31 -16.18 -11.98 -7.64
C THR A 31 -15.03 -12.02 -8.64
N LEU A 32 -14.52 -10.87 -9.09
CA LEU A 32 -13.50 -10.96 -10.15
C LEU A 32 -12.20 -11.60 -9.67
N LYS A 33 -11.68 -12.46 -10.53
CA LYS A 33 -10.44 -13.17 -10.33
C LYS A 33 -9.91 -13.69 -11.66
N CYS A 34 -8.61 -13.93 -11.69
CA CYS A 34 -8.00 -14.59 -12.83
C CYS A 34 -6.99 -15.59 -12.27
N TYR A 35 -7.02 -16.79 -12.84
CA TYR A 35 -6.20 -17.92 -12.33
C TYR A 35 -6.35 -18.06 -10.83
N GLY A 36 -7.53 -17.85 -10.29
CA GLY A 36 -7.76 -17.99 -8.86
C GLY A 36 -7.29 -16.83 -8.01
N ILE A 37 -6.72 -15.80 -8.58
CA ILE A 37 -6.16 -14.70 -7.84
C ILE A 37 -7.21 -13.59 -7.80
N PRO A 38 -7.59 -13.12 -6.63
CA PRO A 38 -8.64 -12.07 -6.56
C PRO A 38 -8.15 -10.80 -7.21
N MET A 39 -9.07 -10.11 -7.85
CA MET A 39 -8.84 -8.83 -8.53
C MET A 39 -9.60 -7.68 -7.89
N LEU A 40 -8.95 -6.52 -7.85
CA LEU A 40 -9.57 -5.30 -7.41
C LEU A 40 -10.72 -4.87 -8.33
N PRO A 41 -11.69 -4.10 -7.79
CA PRO A 41 -12.86 -3.74 -8.58
C PRO A 41 -12.59 -2.56 -9.51
N ASP A 42 -13.55 -2.32 -10.37
CA ASP A 42 -13.61 -1.08 -11.16
C ASP A 42 -13.66 0.13 -10.22
N SER A 43 -13.49 1.33 -10.76
CA SER A 43 -13.49 2.59 -10.03
C SER A 43 -14.86 3.04 -9.56
N ASN A 44 -15.90 2.34 -9.93
CA ASN A 44 -17.27 2.70 -9.57
C ASN A 44 -17.80 1.87 -8.42
N LEU A 45 -17.27 0.70 -8.14
CA LEU A 45 -17.87 -0.12 -7.07
C LEU A 45 -17.69 0.58 -5.73
N THR A 46 -18.77 0.60 -4.92
CA THR A 46 -18.72 1.17 -3.59
C THR A 46 -18.57 0.07 -2.49
N PRO A 47 -17.94 0.33 -1.33
CA PRO A 47 -17.17 1.56 -1.06
C PRO A 47 -15.95 1.69 -2.01
N LYS A 48 -15.67 2.92 -2.44
CA LYS A 48 -14.57 3.16 -3.34
C LYS A 48 -13.21 3.24 -2.65
N TYR A 49 -13.19 3.21 -1.31
CA TYR A 49 -12.00 3.48 -0.51
C TYR A 49 -11.98 2.51 0.64
N VAL A 50 -10.80 2.33 1.20
CA VAL A 50 -10.58 1.55 2.40
C VAL A 50 -9.68 2.35 3.34
N LEU A 51 -10.02 2.42 4.61
CA LEU A 51 -9.16 3.14 5.55
C LEU A 51 -8.34 2.09 6.34
N VAL A 52 -7.10 2.46 6.64
CA VAL A 52 -6.21 1.61 7.43
C VAL A 52 -5.66 2.42 8.60
N LYS A 53 -6.05 2.06 9.80
CA LYS A 53 -5.64 2.77 11.01
C LYS A 53 -4.45 2.06 11.65
N LEU A 54 -3.34 2.75 11.72
CA LEU A 54 -2.08 2.26 12.26
C LEU A 54 -1.94 2.77 13.69
N GLN A 55 -1.83 1.88 14.65
CA GLN A 55 -1.71 2.24 16.07
C GLN A 55 -0.31 2.03 16.59
N ASP A 56 0.34 3.03 17.22
CA ASP A 56 1.68 2.82 17.81
C ASP A 56 1.52 2.31 19.24
N ALA A 57 2.53 2.20 20.06
CA ALA A 57 2.68 1.56 21.33
C ALA A 57 2.23 2.62 22.33
N SER A 58 1.93 3.82 21.91
CA SER A 58 1.23 4.74 22.85
C SER A 58 -0.20 4.98 22.46
N SER A 59 -0.75 4.12 21.57
CA SER A 59 -2.11 4.23 21.08
C SER A 59 -2.38 5.51 20.28
N LYS A 60 -1.29 6.21 19.91
CA LYS A 60 -1.44 7.22 18.87
C LYS A 60 -1.71 6.51 17.54
N THR A 61 -2.45 7.19 16.67
CA THR A 61 -2.77 6.55 15.42
C THR A 61 -2.57 7.50 14.24
N ILE A 62 -2.38 6.88 13.10
CA ILE A 62 -2.43 7.53 11.79
C ILE A 62 -3.35 6.68 10.90
N THR A 63 -4.31 7.25 10.22
CA THR A 63 -5.20 6.52 9.31
C THR A 63 -4.86 6.84 7.85
N LEU A 64 -4.49 5.78 7.10
CA LEU A 64 -4.25 5.91 5.67
C LEU A 64 -5.56 5.76 4.91
N MET A 65 -5.71 6.50 3.81
CA MET A 65 -6.86 6.33 2.92
C MET A 65 -6.35 5.70 1.63
N LEU A 66 -6.87 4.53 1.30
CA LEU A 66 -6.50 3.80 0.07
C LEU A 66 -7.63 3.83 -0.94
N ARG A 67 -7.29 4.05 -2.20
CA ARG A 67 -8.27 3.85 -3.27
C ARG A 67 -8.50 2.35 -3.44
N ARG A 68 -9.75 1.87 -3.47
CA ARG A 68 -9.94 0.43 -3.59
C ARG A 68 -9.56 -0.11 -4.97
N ASN A 69 -9.77 0.62 -6.05
CA ASN A 69 -9.50 0.19 -7.43
C ASN A 69 -8.05 -0.10 -7.70
N ASN A 70 -7.12 0.60 -7.06
CA ASN A 70 -5.69 0.30 -7.27
C ASN A 70 -4.83 0.26 -6.01
N LEU A 71 -5.41 0.45 -4.83
CA LEU A 71 -4.67 0.44 -3.54
C LEU A 71 -3.66 1.56 -3.32
N TYR A 72 -3.66 2.59 -4.18
CA TYR A 72 -2.76 3.72 -3.97
C TYR A 72 -3.22 4.48 -2.72
N VAL A 73 -2.23 4.94 -1.97
CA VAL A 73 -2.52 5.84 -0.83
C VAL A 73 -2.81 7.25 -1.29
N MET A 74 -3.96 7.77 -0.90
CA MET A 74 -4.46 9.09 -1.29
C MET A 74 -4.10 10.17 -0.29
N GLY A 75 -3.89 9.77 0.95
CA GLY A 75 -3.56 10.68 2.00
C GLY A 75 -3.71 10.02 3.36
N TYR A 76 -3.59 10.76 4.46
CA TYR A 76 -3.67 10.13 5.78
C TYR A 76 -4.23 11.18 6.74
N SER A 77 -4.72 10.76 7.90
CA SER A 77 -5.15 11.66 8.93
C SER A 77 -4.49 11.37 10.27
N ASP A 78 -4.52 12.35 11.14
CA ASP A 78 -4.13 12.23 12.52
C ASP A 78 -4.93 13.25 13.38
N LEU A 79 -4.96 12.97 14.66
CA LEU A 79 -5.55 13.87 15.63
C LEU A 79 -4.50 14.87 16.11
N TYR A 80 -4.79 16.18 16.02
N TYR A 80 -4.56 16.30 15.66
CA TYR A 80 -3.86 17.27 16.38
CA TYR A 80 -3.82 17.26 16.53
C TYR A 80 -4.59 18.49 16.91
C TYR A 80 -4.70 18.41 16.94
N ASN A 81 -4.36 18.96 18.12
CA ASN A 81 -4.91 20.16 18.67
C ASN A 81 -6.44 20.10 18.62
N GLY A 82 -6.98 18.91 18.94
CA GLY A 82 -8.40 18.67 19.02
C GLY A 82 -9.14 18.48 17.72
N LYS A 83 -8.41 18.46 16.62
CA LYS A 83 -8.96 18.41 15.28
C LYS A 83 -8.50 17.16 14.52
N CYS A 84 -9.36 16.69 13.64
CA CYS A 84 -8.92 15.75 12.64
C CYS A 84 -8.12 16.46 11.55
N ARG A 85 -6.89 16.12 11.38
CA ARG A 85 -6.04 16.76 10.36
C ARG A 85 -5.93 15.81 9.17
N TYR A 86 -6.33 16.31 8.01
CA TYR A 86 -6.21 15.49 6.82
C TYR A 86 -5.09 16.02 5.92
N HIS A 87 -4.24 15.07 5.53
CA HIS A 87 -3.06 15.32 4.72
C HIS A 87 -3.26 14.57 3.39
N ILE A 88 -3.59 15.35 2.37
CA ILE A 88 -3.85 14.79 1.04
C ILE A 88 -2.66 14.99 0.11
N PHE A 89 -2.34 13.97 -0.68
CA PHE A 89 -1.33 14.08 -1.73
C PHE A 89 -1.76 15.08 -2.77
N ASN A 90 -0.77 15.73 -3.40
CA ASN A 90 -1.12 16.79 -4.33
C ASN A 90 -1.49 16.32 -5.73
N ASP A 91 -1.56 15.04 -5.92
CA ASP A 91 -1.83 14.47 -7.23
C ASP A 91 -3.24 13.87 -7.33
N ILE A 92 -4.13 14.19 -6.37
CA ILE A 92 -5.53 13.83 -6.29
C ILE A 92 -6.36 14.94 -6.89
N SER A 93 -7.36 14.56 -7.70
CA SER A 93 -8.27 15.53 -8.31
C SER A 93 -9.08 16.27 -7.28
N SER A 94 -9.67 17.40 -7.62
CA SER A 94 -10.57 18.07 -6.68
C SER A 94 -11.70 17.19 -6.18
N THR A 95 -12.32 16.41 -7.08
CA THR A 95 -13.43 15.59 -6.61
C THR A 95 -13.00 14.53 -5.60
N GLU A 96 -11.91 13.84 -5.89
CA GLU A 96 -11.38 12.85 -4.96
C GLU A 96 -10.90 13.53 -3.69
N SER A 97 -10.34 14.75 -3.79
CA SER A 97 -9.87 15.41 -2.58
C SER A 97 -11.03 15.68 -1.63
N THR A 98 -12.21 16.01 -2.20
CA THR A 98 -13.42 16.18 -1.39
C THR A 98 -13.76 14.88 -0.73
N ASP A 99 -13.63 13.73 -1.43
CA ASP A 99 -13.94 12.47 -0.77
C ASP A 99 -12.95 12.17 0.35
N VAL A 100 -11.67 12.54 0.14
CA VAL A 100 -10.63 12.23 1.10
C VAL A 100 -10.90 13.04 2.37
N GLU A 101 -11.15 14.32 2.24
CA GLU A 101 -11.51 15.19 3.36
C GLU A 101 -12.67 14.61 4.16
N ASN A 102 -13.74 14.24 3.45
CA ASN A 102 -14.97 13.84 4.14
C ASN A 102 -14.90 12.42 4.60
N THR A 103 -14.02 11.56 4.10
CA THR A 103 -13.92 10.18 4.51
C THR A 103 -12.98 10.08 5.72
N LEU A 104 -11.86 10.75 5.66
CA LEU A 104 -10.89 10.78 6.76
C LEU A 104 -11.45 11.56 7.94
N CYS A 105 -12.11 12.69 7.65
CA CYS A 105 -12.55 13.63 8.69
C CYS A 105 -13.98 14.10 8.46
N PRO A 106 -14.90 13.19 8.67
CA PRO A 106 -16.31 13.51 8.36
C PRO A 106 -16.84 14.68 9.16
N ASN A 107 -16.30 14.98 10.33
CA ASN A 107 -16.81 16.15 11.07
C ASN A 107 -16.18 17.42 10.52
N SER A 108 -16.87 18.06 9.57
CA SER A 108 -16.36 19.25 8.91
C SER A 108 -16.18 20.41 9.87
N ASN A 109 -16.76 20.34 11.07
CA ASN A 109 -16.65 21.43 12.05
C ASN A 109 -15.46 21.26 12.97
N SER A 110 -14.65 20.22 12.77
CA SER A 110 -13.49 20.07 13.62
C SER A 110 -12.36 19.34 12.88
N ARG A 111 -11.93 19.97 11.80
CA ARG A 111 -10.91 19.40 10.96
C ARG A 111 -9.99 20.49 10.41
N GLU A 112 -8.86 20.03 9.92
CA GLU A 112 -7.82 20.92 9.48
C GLU A 112 -7.05 20.32 8.31
N LYS A 113 -6.83 21.12 7.29
CA LYS A 113 -5.99 20.72 6.17
C LYS A 113 -4.50 20.82 6.48
N LYS A 114 -3.75 19.77 6.22
CA LYS A 114 -2.29 19.88 6.28
C LYS A 114 -1.79 19.05 5.12
N ALA A 115 -1.70 19.74 3.98
CA ALA A 115 -1.44 19.03 2.75
C ALA A 115 -0.10 18.32 2.73
N ILE A 116 -0.06 17.31 1.89
CA ILE A 116 1.21 16.69 1.49
C ILE A 116 1.68 17.39 0.23
N ASN A 117 2.74 18.19 0.29
CA ASN A 117 3.00 19.17 -0.77
C ASN A 117 3.88 18.64 -1.89
N TYR A 118 3.66 17.37 -2.24
CA TYR A 118 4.40 16.68 -3.31
C TYR A 118 3.54 15.49 -3.72
N ASN A 119 3.86 14.87 -4.85
CA ASN A 119 3.08 13.76 -5.37
C ASN A 119 3.56 12.44 -4.75
N SER A 120 2.81 11.38 -5.11
CA SER A 120 2.97 10.07 -4.49
C SER A 120 3.90 9.13 -5.25
N GLN A 121 4.53 9.61 -6.32
CA GLN A 121 5.42 8.73 -7.08
C GLN A 121 6.62 8.34 -6.21
N TYR A 122 7.04 7.08 -6.37
CA TYR A 122 8.25 6.63 -5.65
C TYR A 122 9.41 7.53 -5.94
N SER A 123 9.64 8.00 -7.16
CA SER A 123 10.76 8.89 -7.43
C SER A 123 10.71 10.17 -6.57
N THR A 124 9.51 10.72 -6.44
CA THR A 124 9.29 11.87 -5.62
C THR A 124 9.52 11.60 -4.15
N LEU A 125 8.91 10.52 -3.63
CA LEU A 125 9.14 10.20 -2.23
C LEU A 125 10.60 9.96 -1.91
N GLN A 126 11.32 9.29 -2.79
CA GLN A 126 12.75 9.07 -2.63
C GLN A 126 13.51 10.38 -2.65
N ASN A 127 13.16 11.29 -3.53
CA ASN A 127 13.81 12.60 -3.56
C ASN A 127 13.58 13.30 -2.21
N LYS A 128 12.36 13.34 -1.71
CA LYS A 128 12.09 14.02 -0.42
C LYS A 128 12.83 13.38 0.75
N ALA A 129 13.00 12.06 0.68
CA ALA A 129 13.71 11.29 1.70
C ALA A 129 15.21 11.34 1.54
N GLY A 130 15.70 11.94 0.46
CA GLY A 130 17.14 12.09 0.27
C GLY A 130 17.86 10.87 -0.24
N VAL A 131 17.13 9.90 -0.80
CA VAL A 131 17.76 8.65 -1.19
C VAL A 131 17.69 8.45 -2.69
N SER A 132 18.73 7.86 -3.27
CA SER A 132 18.73 7.58 -4.72
C SER A 132 17.84 6.36 -5.02
N SER A 133 17.60 5.49 -4.05
CA SER A 133 16.74 4.31 -4.22
C SER A 133 16.02 4.04 -2.92
N ARG A 134 14.78 3.57 -2.97
CA ARG A 134 14.14 3.26 -1.68
C ARG A 134 14.67 1.93 -1.15
N SER A 135 15.62 1.27 -1.84
CA SER A 135 16.38 0.25 -1.15
C SER A 135 17.09 0.79 0.07
N GLN A 136 17.35 2.09 0.13
CA GLN A 136 18.11 2.77 1.17
C GLN A 136 17.21 3.21 2.34
N VAL A 137 15.90 3.00 2.21
CA VAL A 137 15.00 3.34 3.32
C VAL A 137 14.57 1.99 3.93
N GLN A 138 15.05 1.65 5.09
CA GLN A 138 14.65 0.38 5.70
C GLN A 138 13.17 0.36 6.05
N LEU A 139 12.60 -0.83 5.90
CA LEU A 139 11.28 -1.19 6.36
C LEU A 139 11.37 -1.94 7.68
N GLY A 140 10.30 -1.97 8.44
CA GLY A 140 10.20 -2.79 9.63
C GLY A 140 9.14 -2.32 10.60
N ILE A 141 8.80 -3.23 11.52
CA ILE A 141 7.74 -2.93 12.49
C ILE A 141 8.15 -1.85 13.47
N GLN A 142 9.32 -1.94 14.07
CA GLN A 142 9.74 -0.86 14.97
C GLN A 142 9.95 0.46 14.25
N ILE A 143 10.44 0.44 13.01
CA ILE A 143 10.55 1.67 12.22
C ILE A 143 9.18 2.24 12.00
N LEU A 144 8.20 1.47 11.60
CA LEU A 144 6.86 2.01 11.39
C LEU A 144 6.32 2.59 12.69
N ASN A 145 6.46 1.87 13.78
CA ASN A 145 6.06 2.35 15.10
C ASN A 145 6.68 3.69 15.42
N SER A 146 7.98 3.80 15.31
CA SER A 146 8.74 5.02 15.56
C SER A 146 8.26 6.13 14.66
N ASP A 147 8.04 5.83 13.36
CA ASP A 147 7.68 6.88 12.39
C ASP A 147 6.31 7.50 12.71
N ILE A 148 5.40 6.65 13.16
CA ILE A 148 4.08 7.17 13.61
C ILE A 148 4.26 8.20 14.70
N GLY A 149 5.14 7.94 15.68
CA GLY A 149 5.39 8.91 16.74
C GLY A 149 6.03 10.22 16.35
N LYS A 150 6.66 10.30 15.21
CA LYS A 150 7.25 11.52 14.69
C LYS A 150 6.24 12.43 14.00
N ILE A 151 5.06 11.93 13.70
CA ILE A 151 4.04 12.62 12.91
C ILE A 151 2.73 12.79 13.62
N SER A 152 2.21 11.74 14.20
CA SER A 152 0.87 11.80 14.79
C SER A 152 0.78 12.78 15.97
N GLY A 153 -0.08 13.80 15.85
CA GLY A 153 -0.16 14.82 16.91
C GLY A 153 0.99 15.76 16.92
N VAL A 154 1.77 15.84 15.87
CA VAL A 154 2.96 16.67 15.81
C VAL A 154 2.67 17.85 14.87
N SER A 155 2.72 19.06 15.39
CA SER A 155 2.34 20.25 14.66
C SER A 155 3.03 20.35 13.32
N THR A 156 4.36 20.28 13.35
CA THR A 156 5.16 20.51 12.17
C THR A 156 6.25 19.45 12.13
N PHE A 157 6.64 19.00 10.96
CA PHE A 157 7.63 17.97 10.76
C PHE A 157 8.21 18.13 9.35
N THR A 158 9.39 17.57 9.14
CA THR A 158 9.96 17.84 7.80
C THR A 158 9.37 16.90 6.75
N ASP A 159 9.53 17.33 5.49
CA ASP A 159 9.13 16.51 4.36
C ASP A 159 9.96 15.22 4.35
N LYS A 160 11.20 15.24 4.84
CA LYS A 160 11.94 13.99 4.89
C LYS A 160 11.34 12.97 5.82
N THR A 161 10.95 13.30 7.01
CA THR A 161 10.27 12.54 8.03
C THR A 161 8.97 11.99 7.45
N GLU A 162 8.17 12.87 6.84
CA GLU A 162 6.92 12.46 6.22
C GLU A 162 7.16 11.48 5.09
N ALA A 163 8.05 11.77 4.16
CA ALA A 163 8.36 10.88 3.04
C ALA A 163 8.88 9.52 3.51
N GLU A 164 9.70 9.49 4.54
CA GLU A 164 10.16 8.24 5.11
C GLU A 164 8.97 7.44 5.61
N PHE A 165 8.09 8.07 6.39
CA PHE A 165 6.93 7.35 6.90
C PHE A 165 6.11 6.83 5.75
N LEU A 166 5.85 7.65 4.73
CA LEU A 166 5.03 7.18 3.60
C LEU A 166 5.69 6.03 2.85
N LEU A 167 7.00 6.09 2.61
CA LEU A 167 7.67 4.97 1.96
C LEU A 167 7.47 3.69 2.74
N VAL A 168 7.58 3.82 4.08
CA VAL A 168 7.43 2.60 4.90
C VAL A 168 6.00 2.09 4.90
N ALA A 169 5.08 3.01 5.17
CA ALA A 169 3.68 2.63 5.30
C ALA A 169 3.09 2.13 3.96
N ILE A 170 3.43 2.80 2.86
CA ILE A 170 2.90 2.38 1.54
C ILE A 170 3.38 0.96 1.26
N GLN A 171 4.63 0.65 1.57
CA GLN A 171 5.17 -0.66 1.25
C GLN A 171 4.69 -1.74 2.19
N MET A 172 4.60 -1.46 3.51
CA MET A 172 4.13 -2.50 4.45
C MET A 172 2.63 -2.64 4.48
N VAL A 173 1.88 -1.72 3.86
CA VAL A 173 0.42 -1.86 3.79
C VAL A 173 0.00 -2.18 2.37
N SER A 174 0.14 -1.24 1.43
CA SER A 174 -0.44 -1.48 0.09
C SER A 174 0.36 -2.49 -0.71
N GLU A 175 1.68 -2.36 -0.72
CA GLU A 175 2.47 -3.29 -1.52
C GLU A 175 2.43 -4.69 -0.95
N ALA A 176 2.42 -4.83 0.37
CA ALA A 176 2.28 -6.14 1.02
C ALA A 176 0.90 -6.70 0.71
N ALA A 177 -0.15 -5.92 0.65
CA ALA A 177 -1.46 -6.46 0.30
C ALA A 177 -1.48 -6.95 -1.14
N ARG A 178 -0.84 -6.20 -2.04
CA ARG A 178 -0.71 -6.56 -3.42
C ARG A 178 0.06 -7.84 -3.65
N PHE A 179 1.12 -8.01 -2.88
CA PHE A 179 2.07 -9.10 -3.07
C PHE A 179 2.32 -9.88 -1.80
N LYS A 180 1.85 -11.13 -1.82
CA LYS A 180 2.23 -12.09 -0.80
C LYS A 180 3.75 -12.15 -0.64
N TYR A 181 4.53 -12.00 -1.75
CA TYR A 181 5.99 -12.01 -1.58
C TYR A 181 6.42 -10.95 -0.60
N ILE A 182 5.85 -9.76 -0.68
CA ILE A 182 6.24 -8.63 0.16
C ILE A 182 5.71 -8.80 1.57
N GLU A 183 4.46 -9.23 1.74
CA GLU A 183 3.99 -9.68 3.05
C GLU A 183 5.01 -10.62 3.70
N ASN A 184 5.42 -11.62 2.93
CA ASN A 184 6.36 -12.60 3.44
C ASN A 184 7.74 -12.02 3.75
N GLN A 185 8.23 -11.04 2.99
CA GLN A 185 9.47 -10.36 3.40
C GLN A 185 9.31 -9.70 4.79
N VAL A 186 8.16 -9.06 5.04
CA VAL A 186 7.94 -8.45 6.34
C VAL A 186 7.94 -9.52 7.45
N LYS A 187 7.24 -10.64 7.21
CA LYS A 187 7.13 -11.72 8.21
C LYS A 187 8.48 -12.41 8.43
N THR A 188 9.26 -12.64 7.41
CA THR A 188 10.58 -13.25 7.55
C THR A 188 11.50 -12.33 8.33
N ASN A 189 11.32 -11.03 8.25
CA ASN A 189 12.12 -10.04 8.96
C ASN A 189 11.37 -9.37 10.11
N PHE A 190 10.41 -10.08 10.73
CA PHE A 190 9.45 -9.36 11.55
C PHE A 190 10.11 -8.66 12.72
N ASN A 191 11.21 -9.23 13.20
CA ASN A 191 11.90 -8.80 14.40
C ASN A 191 12.96 -7.76 14.10
N ARG A 192 13.08 -7.28 12.89
CA ARG A 192 14.26 -6.48 12.54
C ARG A 192 13.93 -5.55 11.39
N ALA A 193 14.75 -4.50 11.24
CA ALA A 193 14.75 -3.69 10.05
C ALA A 193 15.29 -4.47 8.86
N PHE A 194 14.81 -4.13 7.67
CA PHE A 194 15.37 -4.74 6.46
C PHE A 194 15.32 -3.79 5.29
N ASN A 195 16.16 -4.04 4.29
CA ASN A 195 16.17 -3.22 3.08
C ASN A 195 15.39 -3.93 2.00
N PRO A 196 14.48 -3.28 1.29
CA PRO A 196 13.71 -3.97 0.25
C PRO A 196 14.65 -4.40 -0.87
N ASN A 197 14.58 -5.68 -1.18
CA ASN A 197 15.52 -6.26 -2.15
C ASN A 197 15.06 -6.01 -3.58
N PRO A 198 15.89 -6.37 -4.56
CA PRO A 198 15.53 -6.12 -5.95
C PRO A 198 14.24 -6.75 -6.42
N LYS A 199 13.85 -7.88 -5.83
CA LYS A 199 12.59 -8.52 -6.23
C LYS A 199 11.42 -7.72 -5.65
N VAL A 200 11.54 -7.24 -4.41
CA VAL A 200 10.50 -6.34 -3.89
C VAL A 200 10.25 -5.15 -4.78
N LEU A 201 11.39 -4.54 -5.16
CA LEU A 201 11.26 -3.31 -5.97
C LEU A 201 10.67 -3.57 -7.34
N SER A 202 11.08 -4.64 -7.99
CA SER A 202 10.62 -5.05 -9.31
C SER A 202 9.12 -5.34 -9.31
N LEU A 203 8.65 -6.11 -8.33
CA LEU A 203 7.24 -6.40 -8.18
C LEU A 203 6.47 -5.10 -8.04
N GLU A 204 6.90 -4.23 -7.12
CA GLU A 204 6.21 -2.97 -6.92
C GLU A 204 6.09 -2.18 -8.19
N GLU A 205 7.16 -2.11 -8.99
CA GLU A 205 7.18 -1.32 -10.19
C GLU A 205 6.36 -1.96 -11.30
N ASN A 206 6.13 -3.25 -11.25
CA ASN A 206 5.54 -3.96 -12.37
C ASN A 206 4.14 -4.52 -12.11
N TRP A 207 3.58 -4.10 -10.98
CA TRP A 207 2.31 -4.70 -10.56
C TRP A 207 1.23 -4.62 -11.65
N GLY A 208 1.09 -3.43 -12.26
CA GLY A 208 0.11 -3.35 -13.33
C GLY A 208 0.38 -4.22 -14.54
N LYS A 209 1.62 -4.30 -15.01
CA LYS A 209 2.00 -5.20 -16.09
C LYS A 209 1.78 -6.64 -15.67
N ILE A 210 2.06 -7.03 -14.42
CA ILE A 210 1.82 -8.40 -13.99
C ILE A 210 0.36 -8.76 -14.12
N ALA A 211 -0.51 -7.89 -13.64
CA ALA A 211 -1.95 -8.10 -13.72
C ALA A 211 -2.36 -8.36 -15.15
N LEU A 212 -1.86 -7.56 -16.08
CA LEU A 212 -2.26 -7.71 -17.48
C LEU A 212 -1.73 -9.01 -18.06
N ALA A 213 -0.54 -9.35 -17.67
CA ALA A 213 0.06 -10.60 -18.19
C ALA A 213 -0.72 -11.81 -17.74
N ILE A 214 -1.11 -11.82 -16.47
CA ILE A 214 -1.92 -12.93 -15.96
C ILE A 214 -3.30 -12.92 -16.57
N HIS A 215 -3.96 -11.79 -16.68
CA HIS A 215 -5.30 -11.68 -17.26
C HIS A 215 -5.32 -12.13 -18.70
N ASN A 216 -4.25 -11.86 -19.44
CA ASN A 216 -4.15 -12.20 -20.84
C ASN A 216 -3.66 -13.61 -21.06
N ALA A 217 -3.11 -14.32 -20.10
CA ALA A 217 -2.52 -15.61 -20.38
C ALA A 217 -3.55 -16.64 -20.81
N LYS A 218 -3.20 -17.47 -21.78
CA LYS A 218 -4.04 -18.53 -22.29
C LYS A 218 -3.50 -19.87 -21.81
N ASN A 219 -4.34 -20.62 -21.10
CA ASN A 219 -3.96 -21.93 -20.52
C ASN A 219 -2.73 -21.84 -19.66
N GLY A 220 -2.57 -20.73 -18.96
CA GLY A 220 -1.46 -20.55 -18.06
C GLY A 220 -0.18 -20.05 -18.71
N ALA A 221 -0.15 -19.94 -20.03
CA ALA A 221 0.98 -19.43 -20.78
C ALA A 221 0.85 -17.95 -21.04
N LEU A 222 1.84 -17.20 -20.52
CA LEU A 222 1.90 -15.79 -20.85
C LEU A 222 2.02 -15.62 -22.36
N THR A 223 1.31 -14.61 -22.86
CA THR A 223 1.39 -14.26 -24.28
C THR A 223 2.78 -13.80 -24.71
N SER A 224 3.52 -13.11 -23.85
CA SER A 224 4.89 -12.71 -24.07
C SER A 224 5.60 -12.80 -22.72
N PRO A 225 6.89 -13.03 -22.74
CA PRO A 225 7.63 -13.08 -21.48
C PRO A 225 7.53 -11.79 -20.69
N LEU A 226 7.43 -11.98 -19.36
CA LEU A 226 7.38 -10.88 -18.42
C LEU A 226 8.66 -10.83 -17.61
N GLU A 227 9.44 -9.77 -17.77
CA GLU A 227 10.78 -9.74 -17.16
C GLU A 227 10.73 -8.96 -15.84
N LEU A 228 11.13 -9.63 -14.78
CA LEU A 228 11.17 -9.11 -13.42
C LEU A 228 12.57 -9.32 -12.87
N LYS A 229 12.77 -9.32 -11.57
CA LYS A 229 14.02 -9.54 -10.87
C LYS A 229 13.86 -10.60 -9.82
N ASN A 230 14.93 -11.38 -9.66
CA ASN A 230 15.10 -12.21 -8.50
C ASN A 230 15.75 -11.39 -7.37
N ALA A 231 15.73 -11.92 -6.17
CA ALA A 231 16.19 -11.24 -5.00
C ALA A 231 17.68 -10.94 -5.08
N ASP A 232 18.46 -11.64 -5.90
CA ASP A 232 19.88 -11.38 -6.09
C ASP A 232 20.16 -10.43 -7.28
N ASP A 233 19.11 -9.78 -7.78
CA ASP A 233 19.17 -8.73 -8.79
C ASP A 233 19.38 -9.33 -10.18
N THR A 234 19.26 -10.64 -10.34
CA THR A 234 19.31 -11.26 -11.64
C THR A 234 17.91 -11.19 -12.29
N LYS A 235 17.92 -11.31 -13.61
CA LYS A 235 16.65 -11.31 -14.34
C LYS A 235 15.81 -12.55 -14.02
N TRP A 236 14.51 -12.33 -13.91
CA TRP A 236 13.50 -13.36 -13.74
C TRP A 236 12.53 -13.27 -14.91
N ILE A 237 12.69 -14.14 -15.91
CA ILE A 237 11.82 -14.09 -17.10
C ILE A 237 10.64 -15.02 -16.93
N VAL A 238 9.53 -14.42 -16.58
CA VAL A 238 8.39 -15.25 -16.27
C VAL A 238 7.68 -15.69 -17.57
N LEU A 239 7.36 -16.97 -17.69
CA LEU A 239 6.67 -17.53 -18.86
C LEU A 239 5.30 -18.13 -18.62
N ARG A 240 5.02 -18.51 -17.39
CA ARG A 240 3.75 -19.12 -16.99
C ARG A 240 3.18 -18.46 -15.73
N VAL A 241 1.85 -18.47 -15.66
CA VAL A 241 1.20 -17.98 -14.45
C VAL A 241 1.67 -18.75 -13.22
N ASP A 242 1.97 -20.03 -13.37
CA ASP A 242 2.37 -20.83 -12.23
C ASP A 242 3.53 -20.21 -11.46
N GLU A 243 4.49 -19.57 -12.10
CA GLU A 243 5.68 -19.05 -11.50
C GLU A 243 5.39 -17.78 -10.70
N ILE A 244 4.45 -16.96 -11.18
CA ILE A 244 4.21 -15.65 -10.56
C ILE A 244 3.06 -15.74 -9.58
N LYS A 245 2.07 -16.61 -9.75
CA LYS A 245 0.90 -16.63 -8.89
C LYS A 245 1.24 -16.68 -7.39
N PRO A 246 2.19 -17.49 -6.92
CA PRO A 246 2.37 -17.52 -5.47
C PRO A 246 2.75 -16.21 -4.81
N ASP A 247 3.38 -15.31 -5.57
CA ASP A 247 3.79 -14.02 -5.06
C ASP A 247 2.64 -13.03 -5.01
N MET A 248 1.51 -13.28 -5.62
CA MET A 248 0.43 -12.33 -5.79
C MET A 248 -0.59 -12.41 -4.66
N GLY A 249 -0.93 -11.22 -4.15
CA GLY A 249 -2.07 -11.17 -3.24
C GLY A 249 -3.32 -10.63 -3.92
N LEU A 250 -3.20 -9.62 -4.79
CA LEU A 250 -4.28 -8.99 -5.52
C LEU A 250 -3.85 -8.58 -6.89
N LEU A 251 -4.72 -8.77 -7.87
CA LEU A 251 -4.49 -8.23 -9.19
C LEU A 251 -5.09 -6.83 -9.31
N ASN A 252 -4.37 -5.95 -10.01
CA ASN A 252 -4.96 -4.69 -10.42
C ASN A 252 -6.21 -4.95 -11.27
N TYR A 253 -7.16 -4.02 -11.23
CA TYR A 253 -8.30 -4.12 -12.10
C TYR A 253 -7.91 -4.10 -13.58
N VAL A 254 -8.44 -5.09 -14.30
CA VAL A 254 -8.33 -5.19 -15.75
C VAL A 254 -9.70 -5.51 -16.31
N SER A 255 -10.16 -4.71 -17.22
CA SER A 255 -11.48 -4.84 -17.84
C SER A 255 -11.45 -6.11 -18.69
N GLY A 256 -12.59 -6.80 -18.76
CA GLY A 256 -12.73 -7.90 -19.70
C GLY A 256 -12.59 -9.22 -19.00
N THR A 257 -12.98 -10.28 -19.69
CA THR A 257 -12.94 -11.59 -19.12
C THR A 257 -11.52 -12.14 -19.14
N CYS A 258 -11.30 -13.16 -18.34
CA CYS A 258 -10.06 -13.92 -18.30
C CYS A 258 -10.32 -15.35 -17.90
N GLN A 259 -9.28 -16.16 -17.98
CA GLN A 259 -9.35 -17.53 -17.44
C GLN A 259 -9.49 -17.44 -15.95
N THR A 260 -10.59 -17.83 -15.33
CA THR A 260 -10.84 -17.47 -13.93
C THR A 260 -10.18 -18.35 -12.89
N THR A 261 -9.84 -19.57 -13.32
CA THR A 261 -9.17 -20.50 -12.40
C THR A 261 -7.97 -21.14 -13.09
#